data_3NEQ
#
_entry.id   3NEQ
#
_cell.length_a   25.820
_cell.length_b   56.578
_cell.length_c   80.709
_cell.angle_alpha   90.00
_cell.angle_beta   90.00
_cell.angle_gamma   90.00
#
_symmetry.space_group_name_H-M   'P 21 21 21'
#
loop_
_entity.id
_entity.type
_entity.pdbx_description
1 polymer 'Three-finger muscarinic toxin 7'
2 non-polymer 'SULFATE ION'
3 water water
#
_entity_poly.entity_id   1
_entity_poly.type   'polypeptide(L)'
_entity_poly.pdbx_seq_one_letter_code
;LTCVKSNSIWFPTSEDCPDGQNLCFKRWQYISPRMYDFTRGCAATCPKPTNVRETIRCCGTDKCNK
;
_entity_poly.pdbx_strand_id   A,B
#
# COMPACT_ATOMS: atom_id res chain seq x y z
N LEU A 1 -21.99 -2.42 -9.57
CA LEU A 1 -20.80 -1.83 -8.96
C LEU A 1 -20.33 -0.61 -9.73
N THR A 2 -19.82 0.37 -9.00
N THR A 2 -19.83 0.38 -9.01
CA THR A 2 -19.16 1.54 -9.56
CA THR A 2 -19.15 1.51 -9.62
C THR A 2 -17.72 1.49 -9.09
C THR A 2 -17.73 1.54 -9.08
N CYS A 3 -16.78 1.82 -9.97
CA CYS A 3 -15.37 1.85 -9.61
C CYS A 3 -14.75 3.15 -10.04
N VAL A 4 -13.59 3.46 -9.49
CA VAL A 4 -12.81 4.55 -10.04
C VAL A 4 -12.14 4.04 -11.30
N LYS A 5 -12.09 4.88 -12.33
CA LYS A 5 -11.40 4.57 -13.57
C LYS A 5 -10.31 5.62 -13.76
N SER A 6 -9.09 5.17 -14.06
CA SER A 6 -8.01 6.09 -14.34
C SER A 6 -6.88 5.36 -15.02
N ASN A 7 -6.07 6.10 -15.75
CA ASN A 7 -4.86 5.52 -16.32
C ASN A 7 -3.85 6.63 -16.57
N SER A 8 -2.86 6.38 -17.41
CA SER A 8 -1.80 7.37 -17.62
C SER A 8 -2.27 8.62 -18.35
N ILE A 9 -3.42 8.53 -19.00
CA ILE A 9 -4.03 9.65 -19.71
C ILE A 9 -5.16 10.26 -18.90
N TRP A 10 -6.13 9.43 -18.52
CA TRP A 10 -7.37 9.92 -17.94
C TRP A 10 -7.30 10.10 -16.44
N PHE A 11 -7.67 11.28 -15.98
CA PHE A 11 -7.75 11.55 -14.56
C PHE A 11 -8.89 10.75 -13.93
N PRO A 12 -8.78 10.43 -12.63
CA PRO A 12 -9.76 9.53 -12.03
C PRO A 12 -11.20 10.03 -12.10
N THR A 13 -12.10 9.13 -12.44
N THR A 13 -12.09 9.17 -12.57
CA THR A 13 -13.50 9.44 -12.37
CA THR A 13 -13.53 9.41 -12.63
C THR A 13 -14.26 8.20 -12.00
C THR A 13 -14.30 8.16 -12.21
N SER A 14 -15.57 8.31 -11.84
CA SER A 14 -16.41 7.18 -11.53
C SER A 14 -16.85 6.51 -12.82
N GLU A 15 -16.89 5.18 -12.81
CA GLU A 15 -17.44 4.46 -13.95
C GLU A 15 -18.33 3.35 -13.42
N ASP A 16 -19.49 3.21 -14.04
CA ASP A 16 -20.38 2.11 -13.73
C ASP A 16 -19.88 0.86 -14.44
N CYS A 17 -19.66 -0.21 -13.69
CA CYS A 17 -19.17 -1.45 -14.28
C CYS A 17 -20.27 -2.17 -15.03
N PRO A 18 -19.91 -2.89 -16.08
CA PRO A 18 -20.91 -3.72 -16.76
C PRO A 18 -21.51 -4.74 -15.78
N ASP A 19 -22.75 -5.14 -16.03
CA ASP A 19 -23.35 -6.23 -15.26
C ASP A 19 -22.41 -7.42 -15.24
N GLY A 20 -22.24 -8.02 -14.08
CA GLY A 20 -21.38 -9.19 -13.97
C GLY A 20 -19.94 -8.88 -13.60
N GLN A 21 -19.54 -7.61 -13.64
CA GLN A 21 -18.22 -7.22 -13.17
C GLN A 21 -18.36 -6.62 -11.78
N ASN A 22 -17.98 -7.39 -10.77
CA ASN A 22 -18.23 -7.01 -9.39
C ASN A 22 -16.94 -6.79 -8.60
N LEU A 23 -15.85 -6.47 -9.31
CA LEU A 23 -14.63 -6.05 -8.67
C LEU A 23 -14.15 -4.72 -9.23
N CYS A 24 -13.50 -3.95 -8.36
CA CYS A 24 -12.68 -2.83 -8.79
C CYS A 24 -11.21 -3.24 -8.60
N PHE A 25 -10.36 -2.73 -9.48
CA PHE A 25 -8.94 -2.97 -9.34
C PHE A 25 -8.14 -1.69 -9.30
N LYS A 26 -7.03 -1.74 -8.57
N LYS A 26 -7.01 -1.75 -8.59
CA LYS A 26 -5.99 -0.72 -8.62
CA LYS A 26 -5.98 -0.74 -8.64
C LYS A 26 -4.70 -1.43 -8.96
C LYS A 26 -4.69 -1.48 -8.94
N ARG A 27 -4.05 -0.97 -10.04
N ARG A 27 -4.00 -1.00 -9.97
CA ARG A 27 -2.78 -1.53 -10.45
CA ARG A 27 -2.76 -1.62 -10.42
C ARG A 27 -1.70 -0.47 -10.29
C ARG A 27 -1.69 -0.55 -10.42
N TRP A 28 -0.52 -0.89 -9.88
CA TRP A 28 0.60 0.04 -9.89
C TRP A 28 1.86 -0.65 -10.33
N GLN A 29 2.65 0.07 -11.12
N GLN A 29 2.63 0.03 -11.17
CA GLN A 29 3.89 -0.44 -11.66
CA GLN A 29 3.89 -0.52 -11.65
C GLN A 29 5.06 0.38 -11.17
C GLN A 29 5.05 0.35 -11.18
N TYR A 30 5.98 -0.27 -10.48
CA TYR A 30 7.17 0.41 -9.98
C TYR A 30 8.04 0.85 -11.13
N ILE A 31 8.46 2.10 -11.08
CA ILE A 31 9.45 2.62 -12.02
C ILE A 31 10.78 2.86 -11.31
N SER A 32 10.70 3.57 -10.19
CA SER A 32 11.85 3.90 -9.37
C SER A 32 11.30 4.34 -8.02
N PRO A 33 12.16 4.64 -7.04
CA PRO A 33 11.61 4.92 -5.72
C PRO A 33 10.56 6.03 -5.74
N ARG A 34 9.38 5.74 -5.19
CA ARG A 34 8.28 6.69 -5.11
C ARG A 34 7.80 7.19 -6.49
N MET A 35 7.99 6.36 -7.50
N MET A 35 7.99 6.34 -7.48
CA MET A 35 7.52 6.67 -8.84
CA MET A 35 7.54 6.63 -8.83
C MET A 35 6.85 5.43 -9.42
C MET A 35 6.83 5.40 -9.39
N TYR A 36 5.54 5.52 -9.65
CA TYR A 36 4.72 4.41 -10.13
C TYR A 36 3.79 4.86 -11.23
N ASP A 37 3.44 3.92 -12.11
CA ASP A 37 2.29 4.11 -13.00
C ASP A 37 1.07 3.47 -12.33
N PHE A 38 -0.03 4.22 -12.28
N PHE A 38 -0.04 4.20 -12.28
CA PHE A 38 -1.26 3.73 -11.66
CA PHE A 38 -1.27 3.68 -11.70
C PHE A 38 -2.37 3.59 -12.69
C PHE A 38 -2.35 3.50 -12.76
N THR A 39 -3.11 2.49 -12.61
N THR A 39 -3.15 2.46 -12.60
CA THR A 39 -4.32 2.35 -13.39
CA THR A 39 -4.32 2.22 -13.43
C THR A 39 -5.43 1.80 -12.50
C THR A 39 -5.45 1.72 -12.53
N ARG A 40 -6.67 2.18 -12.80
CA ARG A 40 -7.82 1.78 -12.00
C ARG A 40 -8.97 1.48 -12.91
N GLY A 41 -9.79 0.50 -12.54
CA GLY A 41 -11.00 0.23 -13.30
C GLY A 41 -11.83 -0.88 -12.71
N CYS A 42 -12.82 -1.32 -13.49
CA CYS A 42 -13.69 -2.45 -13.17
C CYS A 42 -13.09 -3.75 -13.69
N ALA A 43 -13.49 -4.86 -13.09
CA ALA A 43 -13.04 -6.18 -13.55
C ALA A 43 -14.04 -7.27 -13.16
N ALA A 44 -14.03 -8.36 -13.92
CA ALA A 44 -14.82 -9.54 -13.61
C ALA A 44 -14.07 -10.45 -12.64
N THR A 45 -12.76 -10.57 -12.86
CA THR A 45 -11.86 -11.28 -11.97
C THR A 45 -10.63 -10.40 -11.76
N CYS A 46 -9.90 -10.62 -10.68
CA CYS A 46 -8.80 -9.72 -10.40
CA CYS A 46 -8.78 -9.75 -10.37
C CYS A 46 -7.67 -9.93 -11.40
N PRO A 47 -7.23 -8.83 -12.05
CA PRO A 47 -6.12 -8.95 -13.00
C PRO A 47 -4.84 -9.40 -12.31
N LYS A 48 -3.94 -9.98 -13.09
N LYS A 48 -3.94 -10.00 -13.08
CA LYS A 48 -2.66 -10.45 -12.57
CA LYS A 48 -2.66 -10.45 -12.56
C LYS A 48 -1.54 -9.61 -13.17
C LYS A 48 -1.52 -9.65 -13.18
N PRO A 49 -0.42 -9.48 -12.45
CA PRO A 49 0.72 -8.69 -12.95
C PRO A 49 1.30 -9.25 -14.25
N THR A 50 1.67 -8.36 -15.16
CA THR A 50 2.33 -8.73 -16.40
C THR A 50 3.84 -8.80 -16.23
N ASN A 51 4.35 -8.18 -15.18
CA ASN A 51 5.79 -8.20 -14.88
C ASN A 51 5.97 -8.08 -13.37
N VAL A 52 7.19 -8.29 -12.88
CA VAL A 52 7.42 -8.33 -11.44
C VAL A 52 7.36 -6.96 -10.77
N ARG A 53 7.34 -5.90 -11.58
CA ARG A 53 7.23 -4.55 -11.02
C ARG A 53 5.79 -4.15 -10.74
N GLU A 54 4.84 -4.98 -11.13
CA GLU A 54 3.42 -4.65 -10.96
C GLU A 54 2.80 -5.29 -9.73
N THR A 55 1.94 -4.52 -9.06
CA THR A 55 1.12 -5.01 -7.98
C THR A 55 -0.31 -4.65 -8.30
N ILE A 56 -1.22 -5.54 -7.96
CA ILE A 56 -2.63 -5.31 -8.17
CA ILE A 56 -2.65 -5.32 -8.17
C ILE A 56 -3.41 -5.62 -6.90
N ARG A 57 -4.36 -4.75 -6.59
CA ARG A 57 -5.29 -5.01 -5.50
CA ARG A 57 -5.30 -5.02 -5.51
C ARG A 57 -6.71 -4.87 -6.02
N CYS A 58 -7.55 -5.85 -5.71
CA CYS A 58 -8.96 -5.78 -6.06
CA CYS A 58 -8.95 -5.75 -6.06
C CYS A 58 -9.82 -5.74 -4.82
N CYS A 59 -11.01 -5.19 -4.98
CA CYS A 59 -11.94 -5.07 -3.87
C CYS A 59 -13.34 -5.01 -4.45
N GLY A 60 -14.35 -5.18 -3.60
CA GLY A 60 -15.70 -5.40 -4.08
C GLY A 60 -16.77 -4.42 -3.62
N THR A 61 -16.37 -3.22 -3.19
CA THR A 61 -17.35 -2.20 -2.83
C THR A 61 -17.14 -0.97 -3.71
N ASP A 62 -18.19 -0.15 -3.84
CA ASP A 62 -18.16 0.97 -4.78
C ASP A 62 -16.92 1.83 -4.57
N LYS A 63 -16.17 2.03 -5.64
CA LYS A 63 -15.04 2.96 -5.66
C LYS A 63 -13.99 2.65 -4.61
N CYS A 64 -13.89 1.38 -4.24
CA CYS A 64 -12.95 0.98 -3.20
C CYS A 64 -11.50 1.08 -3.68
N ASN A 65 -11.33 1.23 -5.00
CA ASN A 65 -10.02 1.32 -5.63
C ASN A 65 -9.49 2.74 -5.76
N LYS A 66 -10.13 3.68 -5.07
CA LYS A 66 -9.74 5.09 -5.15
C LYS A 66 -8.28 5.30 -4.82
N LEU B 1 -6.94 -6.11 7.46
CA LEU B 1 -6.24 -5.04 8.18
C LEU B 1 -5.70 -3.98 7.23
N THR B 2 -5.85 -2.73 7.62
N THR B 2 -5.84 -2.72 7.61
CA THR B 2 -5.29 -1.62 6.87
CA THR B 2 -5.27 -1.62 6.84
C THR B 2 -4.23 -0.96 7.74
C THR B 2 -4.25 -0.91 7.71
N CYS B 3 -3.09 -0.60 7.15
CA CYS B 3 -2.03 0.07 7.89
C CYS B 3 -1.52 1.25 7.10
N VAL B 4 -0.94 2.22 7.80
CA VAL B 4 -0.16 3.22 7.10
C VAL B 4 1.10 2.55 6.58
N LYS B 5 1.47 2.87 5.35
CA LYS B 5 2.66 2.35 4.71
CA LYS B 5 2.67 2.35 4.73
C LYS B 5 3.53 3.50 4.24
N SER B 6 4.80 3.48 4.59
CA SER B 6 5.74 4.47 4.09
CA SER B 6 5.74 4.48 4.11
C SER B 6 7.17 3.95 4.21
N ASN B 7 7.96 4.17 3.16
CA ASN B 7 9.36 3.75 3.16
C ASN B 7 10.05 4.45 2.01
N SER B 8 11.31 4.14 1.77
CA SER B 8 12.08 4.89 0.78
C SER B 8 11.52 4.76 -0.63
N ILE B 9 10.73 3.73 -0.91
CA ILE B 9 10.15 3.59 -2.25
C ILE B 9 8.65 3.90 -2.31
N TRP B 10 8.06 4.28 -1.17
CA TRP B 10 6.61 4.44 -1.08
C TRP B 10 6.19 5.66 -0.25
N PHE B 11 5.66 6.68 -0.93
CA PHE B 11 5.10 7.83 -0.25
C PHE B 11 3.94 7.38 0.63
N PRO B 12 3.77 7.99 1.80
CA PRO B 12 2.77 7.49 2.76
C PRO B 12 1.37 7.32 2.20
N THR B 13 0.79 6.14 2.42
CA THR B 13 -0.63 5.88 2.14
C THR B 13 -1.21 5.03 3.26
N SER B 14 -2.53 4.86 3.25
CA SER B 14 -3.19 3.90 4.12
C SER B 14 -3.61 2.76 3.20
N GLU B 15 -3.01 1.59 3.41
CA GLU B 15 -3.10 0.44 2.49
CA GLU B 15 -3.22 0.49 2.48
C GLU B 15 -3.68 -0.79 3.15
N ASP B 16 -4.48 -1.56 2.42
CA ASP B 16 -4.86 -2.90 2.84
CA ASP B 16 -4.84 -2.90 2.84
C ASP B 16 -3.58 -3.75 2.90
N CYS B 17 -3.45 -4.55 3.95
CA CYS B 17 -2.24 -5.38 4.12
C CYS B 17 -2.25 -6.62 3.22
N PRO B 18 -1.06 -7.14 2.88
CA PRO B 18 -0.96 -8.43 2.18
C PRO B 18 -1.59 -9.54 3.01
N ASP B 19 -2.03 -10.59 2.34
CA ASP B 19 -2.68 -11.71 3.02
C ASP B 19 -1.90 -12.21 4.23
N GLY B 20 -2.59 -12.34 5.36
CA GLY B 20 -2.01 -12.96 6.54
C GLY B 20 -1.15 -12.03 7.38
N GLN B 21 -0.91 -10.82 6.90
CA GLN B 21 -0.16 -9.87 7.71
C GLN B 21 -1.15 -9.10 8.58
N ASN B 22 -1.18 -9.46 9.86
CA ASN B 22 -2.20 -8.98 10.78
C ASN B 22 -1.68 -7.97 11.78
N LEU B 23 -0.51 -7.40 11.52
CA LEU B 23 0.03 -6.37 12.39
C LEU B 23 0.43 -5.18 11.54
N CYS B 24 0.31 -3.98 12.11
CA CYS B 24 0.94 -2.80 11.55
C CYS B 24 2.18 -2.50 12.38
N PHE B 25 3.19 -1.86 11.79
CA PHE B 25 4.38 -1.50 12.54
C PHE B 25 4.84 -0.09 12.26
N LYS B 26 5.58 0.44 13.23
N LYS B 26 5.61 0.45 13.20
CA LYS B 26 6.40 1.64 13.10
CA LYS B 26 6.38 1.66 13.01
C LYS B 26 7.82 1.20 13.39
C LYS B 26 7.80 1.33 13.44
N ARG B 27 8.77 1.69 12.62
CA ARG B 27 10.17 1.39 12.90
C ARG B 27 11.02 2.63 12.69
N TRP B 28 11.89 2.91 13.64
CA TRP B 28 12.88 3.96 13.48
C TRP B 28 14.26 3.37 13.59
N GLN B 29 15.15 3.76 12.67
CA GLN B 29 16.57 3.47 12.80
C GLN B 29 17.30 4.80 12.90
N TYR B 30 17.79 5.10 14.09
N TYR B 30 17.81 5.09 14.09
CA TYR B 30 18.49 6.34 14.33
CA TYR B 30 18.48 6.37 14.33
C TYR B 30 19.89 6.25 13.73
C TYR B 30 19.91 6.31 13.83
N ILE B 31 20.26 7.23 12.93
CA ILE B 31 21.55 7.19 12.27
C ILE B 31 22.55 8.12 12.93
N SER B 32 22.11 9.36 13.15
CA SER B 32 22.96 10.41 13.68
C SER B 32 22.04 11.54 14.12
N PRO B 33 22.59 12.59 14.73
CA PRO B 33 21.74 13.62 15.31
C PRO B 33 20.73 14.29 14.39
N ARG B 34 21.01 14.36 13.10
N ARG B 34 21.04 14.29 13.09
N ARG B 34 21.01 14.31 13.08
N ARG B 34 21.02 14.32 13.09
CA ARG B 34 20.01 14.95 12.21
CA ARG B 34 20.22 14.96 12.08
CA ARG B 34 20.12 14.96 12.13
CA ARG B 34 20.15 14.96 12.12
C ARG B 34 19.50 13.97 11.17
C ARG B 34 19.47 13.97 11.19
C ARG B 34 19.29 13.94 11.34
C ARG B 34 19.46 13.96 11.19
N MET B 35 19.65 12.67 11.45
CA MET B 35 19.16 11.65 10.53
C MET B 35 18.59 10.37 11.15
N TYR B 36 17.42 9.96 10.66
CA TYR B 36 16.85 8.65 11.03
C TYR B 36 16.03 8.12 9.88
N ASP B 37 15.93 6.80 9.78
CA ASP B 37 15.02 6.15 8.85
C ASP B 37 13.74 5.78 9.60
N PHE B 38 12.61 6.24 9.12
CA PHE B 38 11.32 5.93 9.73
C PHE B 38 10.52 5.18 8.67
N THR B 39 10.01 4.01 9.04
CA THR B 39 9.19 3.25 8.12
C THR B 39 7.93 2.78 8.82
N ARG B 40 6.89 2.58 8.02
CA ARG B 40 5.61 2.09 8.50
C ARG B 40 5.10 1.05 7.52
N GLY B 41 4.42 0.03 8.01
CA GLY B 41 3.81 -0.92 7.08
C GLY B 41 3.10 -2.02 7.83
N CYS B 42 2.88 -3.12 7.11
CA CYS B 42 2.26 -4.33 7.63
C CYS B 42 3.33 -5.39 7.91
N ALA B 43 3.01 -6.36 8.76
CA ALA B 43 3.94 -7.46 9.03
C ALA B 43 3.19 -8.66 9.52
N ALA B 44 3.77 -9.84 9.33
CA ALA B 44 3.19 -11.06 9.88
C ALA B 44 3.56 -11.23 11.36
N THR B 45 4.79 -10.91 11.71
CA THR B 45 5.22 -10.94 13.11
C THR B 45 5.99 -9.67 13.39
N CYS B 46 6.01 -9.23 14.65
CA CYS B 46 6.68 -8.00 14.97
CA CYS B 46 6.68 -8.00 15.02
C CYS B 46 8.19 -8.22 15.03
N PRO B 47 8.93 -7.47 14.19
CA PRO B 47 10.39 -7.65 14.19
C PRO B 47 10.98 -7.18 15.52
N LYS B 48 12.04 -7.83 15.98
CA LYS B 48 12.73 -7.41 17.20
C LYS B 48 13.84 -6.44 16.83
N PRO B 49 14.03 -5.38 17.63
CA PRO B 49 15.14 -4.45 17.35
C PRO B 49 16.47 -5.17 17.44
N THR B 50 17.40 -4.76 16.59
CA THR B 50 18.69 -5.42 16.48
C THR B 50 19.84 -4.55 16.93
N ASN B 51 19.52 -3.38 17.48
CA ASN B 51 20.49 -2.35 17.75
C ASN B 51 19.81 -1.34 18.69
N VAL B 52 20.58 -0.74 19.61
CA VAL B 52 20.04 0.24 20.54
CA VAL B 52 19.99 0.22 20.55
C VAL B 52 19.43 1.45 19.83
N ARG B 53 19.87 1.68 18.59
CA ARG B 53 19.39 2.79 17.80
C ARG B 53 18.12 2.43 17.03
N GLU B 54 17.59 1.25 17.24
CA GLU B 54 16.39 0.81 16.53
C GLU B 54 15.22 0.66 17.49
N THR B 55 14.09 1.24 17.12
N THR B 55 14.09 1.25 17.12
CA THR B 55 12.85 1.12 17.88
CA THR B 55 12.86 1.12 17.86
C THR B 55 11.77 0.59 16.96
C THR B 55 11.79 0.57 16.93
N ILE B 56 11.04 -0.42 17.42
CA ILE B 56 9.97 -0.99 16.64
C ILE B 56 8.74 -1.13 17.52
N ARG B 57 7.59 -0.75 16.99
CA ARG B 57 6.35 -1.03 17.70
CA ARG B 57 6.32 -0.93 17.69
C ARG B 57 5.29 -1.52 16.75
N CYS B 58 4.46 -2.42 17.26
CA CYS B 58 3.42 -3.04 16.46
CA CYS B 58 3.42 -3.01 16.44
C CYS B 58 2.05 -2.92 17.10
N CYS B 59 1.03 -2.88 16.26
CA CYS B 59 -0.34 -2.80 16.69
C CYS B 59 -1.20 -3.63 15.74
N GLY B 60 -2.47 -3.83 16.10
CA GLY B 60 -3.26 -4.79 15.36
C GLY B 60 -4.63 -4.33 14.90
N THR B 61 -4.86 -3.02 14.80
CA THR B 61 -6.13 -2.49 14.32
C THR B 61 -5.94 -1.50 13.18
N ASP B 62 -7.00 -1.27 12.42
CA ASP B 62 -6.92 -0.43 11.22
C ASP B 62 -6.26 0.93 11.45
N LYS B 63 -5.23 1.20 10.66
CA LYS B 63 -4.56 2.50 10.64
C LYS B 63 -3.92 2.90 11.98
N CYS B 64 -3.64 1.90 12.82
CA CYS B 64 -3.18 2.14 14.18
C CYS B 64 -1.75 2.70 14.23
N ASN B 65 -0.99 2.53 13.15
CA ASN B 65 0.43 2.85 13.11
C ASN B 65 0.79 4.19 12.48
N LYS B 66 -0.16 5.08 12.37
CA LYS B 66 0.14 6.39 11.85
C LYS B 66 1.33 7.04 12.59
#